data_4KR1
#
_entry.id   4KR1
#
_cell.length_a   73.026
_cell.length_b   73.026
_cell.length_c   188.828
_cell.angle_alpha   90.00
_cell.angle_beta   90.00
_cell.angle_gamma   120.00
#
_symmetry.space_group_name_H-M   'P 63 2 2'
#
loop_
_entity.id
_entity.type
_entity.pdbx_description
1 polymer 'Central kinetochore subunit IML3'
2 water water
#
_entity_poly.entity_id   1
_entity_poly.type   'polypeptide(L)'
_entity_poly.pdbx_seq_one_letter_code
;GS(MSE)PYTWKFLGISKQLSLENGIAKLNQLLNLEVDLDIQTIRVPSDPDGGTAADEYIRYE(MSE)RLDISNLDEGTY
SKFIFLGNSK(MSE)EVP(MSE)FLCYCGTDNRNEVVLQWLKAEYGVI(MSE)WPIKFEQKT(MSE)IKLADASIVHVTK
ENIEQITWFSSKLYFEPETQDKNLRQFSIEIPRESCEGLALGYGNT(MSE)HPYNDAIVPYIYNETG(MSE)AVERLPLT
SVILAGHTKI(MSE)RESIVTSTRSLRNRVLAVVLQSIQFTSE
;
_entity_poly.pdbx_strand_id   A
#
# COMPACT_ATOMS: atom_id res chain seq x y z
N MSE A 3 -3.43 6.50 -15.10
CA MSE A 3 -3.70 5.73 -13.84
C MSE A 3 -4.34 6.64 -12.78
O MSE A 3 -3.71 7.55 -12.26
CB MSE A 3 -2.42 5.10 -13.30
CG MSE A 3 -2.14 3.72 -13.87
SE MSE A 3 -0.92 2.69 -12.74
CE MSE A 3 0.40 4.06 -12.33
N PRO A 4 -5.62 6.38 -12.46
CA PRO A 4 -6.48 7.42 -11.87
C PRO A 4 -6.40 7.70 -10.36
N TYR A 5 -6.01 6.73 -9.53
CA TYR A 5 -6.17 6.88 -8.08
C TYR A 5 -4.87 7.07 -7.34
N THR A 6 -4.73 8.23 -6.69
CA THR A 6 -3.55 8.53 -5.90
C THR A 6 -3.88 8.41 -4.42
N TRP A 7 -3.18 7.53 -3.74
CA TRP A 7 -3.45 7.23 -2.35
C TRP A 7 -2.44 7.90 -1.43
N LYS A 8 -2.95 8.52 -0.37
CA LYS A 8 -2.13 9.10 0.69
C LYS A 8 -2.34 8.32 1.97
N PHE A 9 -1.32 8.27 2.82
CA PHE A 9 -1.29 7.42 4.01
C PHE A 9 -1.03 8.21 5.29
N LEU A 10 -1.87 7.97 6.30
CA LEU A 10 -1.75 8.58 7.63
C LEU A 10 -1.70 7.51 8.69
N GLY A 11 -0.64 7.53 9.51
CA GLY A 11 -0.59 6.71 10.71
C GLY A 11 -1.59 7.24 11.73
N ILE A 12 -2.12 6.34 12.57
CA ILE A 12 -3.11 6.70 13.58
C ILE A 12 -2.67 6.17 14.95
N SER A 13 -2.70 7.04 15.96
CA SER A 13 -2.15 6.73 17.29
C SER A 13 -2.97 5.72 18.10
N LYS A 14 -4.23 5.55 17.75
CA LYS A 14 -5.10 4.64 18.47
C LYS A 14 -5.89 3.81 17.46
N GLN A 15 -6.25 2.60 17.87
CA GLN A 15 -7.14 1.79 17.07
C GLN A 15 -8.57 2.29 17.21
N LEU A 16 -9.21 2.60 16.10
CA LEU A 16 -10.54 3.17 16.09
C LEU A 16 -11.57 2.13 15.67
N SER A 17 -12.67 2.08 16.41
CA SER A 17 -13.83 1.32 15.98
C SER A 17 -14.80 2.31 15.35
N LEU A 18 -14.69 2.46 14.03
CA LEU A 18 -15.47 3.45 13.28
C LEU A 18 -16.99 3.25 13.37
N GLU A 19 -17.45 2.02 13.63
CA GLU A 19 -18.88 1.74 13.82
C GLU A 19 -19.49 2.71 14.82
N ASN A 20 -18.74 2.95 15.88
CA ASN A 20 -19.24 3.71 17.03
C ASN A 20 -19.42 5.19 16.73
N GLY A 21 -18.57 5.76 15.86
CA GLY A 21 -18.65 7.20 15.55
C GLY A 21 -19.35 7.61 14.26
N ILE A 22 -19.79 6.63 13.46
CA ILE A 22 -20.18 6.90 12.08
C ILE A 22 -21.38 7.83 11.87
N ALA A 23 -22.42 7.67 12.68
CA ALA A 23 -23.62 8.51 12.60
C ALA A 23 -23.31 10.00 12.77
N LYS A 24 -22.37 10.33 13.65
CA LYS A 24 -21.90 11.71 13.81
C LYS A 24 -21.33 12.25 12.50
N LEU A 25 -20.52 11.43 11.84
CA LEU A 25 -19.93 11.81 10.56
C LEU A 25 -21.00 11.98 9.48
N ASN A 26 -22.00 11.11 9.49
CA ASN A 26 -23.12 11.24 8.55
C ASN A 26 -23.87 12.58 8.69
N GLN A 27 -24.18 12.95 9.92
CA GLN A 27 -24.93 14.19 10.16
C GLN A 27 -24.09 15.42 9.84
N LEU A 28 -22.78 15.30 9.99
CA LEU A 28 -21.84 16.38 9.68
C LEU A 28 -21.73 16.64 8.18
N LEU A 29 -21.73 15.56 7.40
CA LEU A 29 -21.59 15.63 5.94
C LEU A 29 -22.93 15.66 5.22
N ASN A 30 -24.01 15.44 5.95
CA ASN A 30 -25.35 15.34 5.39
C ASN A 30 -25.52 14.18 4.40
N LEU A 31 -24.62 13.20 4.46
CA LEU A 31 -24.70 12.00 3.64
C LEU A 31 -24.86 10.78 4.53
N GLU A 32 -25.27 9.67 3.91
CA GLU A 32 -25.23 8.37 4.57
C GLU A 32 -23.97 7.64 4.08
N VAL A 33 -22.91 7.71 4.88
CA VAL A 33 -21.62 7.08 4.53
C VAL A 33 -21.75 5.57 4.53
N ASP A 34 -21.15 4.95 3.52
CA ASP A 34 -21.15 3.50 3.43
C ASP A 34 -19.93 2.99 4.17
N LEU A 35 -20.15 2.19 5.22
CA LEU A 35 -19.04 1.58 5.96
C LEU A 35 -19.06 0.06 5.83
N ASP A 36 -17.92 -0.50 5.41
CA ASP A 36 -17.73 -1.95 5.30
C ASP A 36 -16.63 -2.40 6.25
N ILE A 37 -16.89 -3.49 6.96
CA ILE A 37 -15.98 -3.99 7.99
C ILE A 37 -15.67 -5.45 7.70
N GLN A 38 -14.39 -5.75 7.60
CA GLN A 38 -13.96 -7.09 7.22
C GLN A 38 -12.71 -7.47 8.01
N THR A 39 -12.73 -8.66 8.62
CA THR A 39 -11.53 -9.24 9.19
C THR A 39 -10.81 -9.99 8.08
N ILE A 40 -9.55 -9.67 7.84
CA ILE A 40 -8.78 -10.33 6.80
C ILE A 40 -7.58 -11.04 7.39
N ARG A 41 -7.11 -12.07 6.68
CA ARG A 41 -5.90 -12.79 7.06
C ARG A 41 -4.89 -12.70 5.90
N VAL A 42 -3.68 -12.26 6.23
CA VAL A 42 -2.58 -12.23 5.27
C VAL A 42 -1.55 -13.29 5.65
N PRO A 43 -1.58 -14.46 4.98
CA PRO A 43 -0.65 -15.55 5.25
C PRO A 43 0.82 -15.12 5.16
N SER A 44 1.68 -15.75 5.95
CA SER A 44 3.12 -15.49 5.89
C SER A 44 3.91 -16.80 5.97
N ASP A 53 -0.47 -12.98 9.64
CA ASP A 53 -1.24 -12.47 10.78
C ASP A 53 -2.65 -12.00 10.34
N GLU A 54 -3.38 -11.38 11.27
CA GLU A 54 -4.81 -11.07 11.08
C GLU A 54 -5.13 -9.59 11.33
N TYR A 55 -5.91 -8.98 10.44
CA TYR A 55 -6.18 -7.56 10.50
C TYR A 55 -7.67 -7.22 10.45
N ILE A 56 -8.00 -6.04 10.97
CA ILE A 56 -9.33 -5.47 10.78
C ILE A 56 -9.23 -4.42 9.69
N ARG A 57 -10.12 -4.51 8.71
CA ARG A 57 -10.09 -3.60 7.58
C ARG A 57 -11.43 -2.90 7.45
N TYR A 58 -11.40 -1.58 7.58
CA TYR A 58 -12.59 -0.77 7.34
C TYR A 58 -12.47 -0.11 5.99
N GLU A 59 -13.62 0.07 5.35
CA GLU A 59 -13.67 0.77 4.09
C GLU A 59 -14.85 1.71 4.10
N MSE A 60 -14.64 2.90 3.54
CA MSE A 60 -15.58 3.98 3.69
C MSE A 60 -15.72 4.75 2.38
O MSE A 60 -14.75 5.30 1.86
CB MSE A 60 -15.10 4.90 4.81
CG MSE A 60 -15.93 6.13 5.03
SE MSE A 60 -15.56 6.95 6.77
CE MSE A 60 -13.92 7.92 6.34
N ARG A 61 -16.94 4.78 1.85
CA ARG A 61 -17.24 5.44 0.59
C ARG A 61 -18.24 6.57 0.82
N LEU A 62 -17.93 7.76 0.32
CA LEU A 62 -18.77 8.94 0.55
C LEU A 62 -19.96 9.04 -0.42
N ASP A 63 -19.69 9.28 -1.70
CA ASP A 63 -20.76 9.41 -2.70
C ASP A 63 -20.25 9.18 -4.12
N TYR A 72 -14.81 10.37 -6.95
CA TYR A 72 -14.21 9.08 -6.56
C TYR A 72 -13.40 9.23 -5.27
N SER A 73 -14.11 9.31 -4.13
CA SER A 73 -13.47 9.49 -2.82
C SER A 73 -13.71 8.29 -1.88
N LYS A 74 -12.62 7.75 -1.34
CA LYS A 74 -12.66 6.49 -0.61
C LYS A 74 -11.57 6.40 0.47
N PHE A 75 -11.94 5.85 1.62
CA PHE A 75 -11.03 5.71 2.75
C PHE A 75 -10.89 4.25 3.13
N ILE A 76 -9.65 3.83 3.39
CA ILE A 76 -9.39 2.46 3.85
C ILE A 76 -8.59 2.53 5.15
N PHE A 77 -8.96 1.68 6.10
CA PHE A 77 -8.30 1.63 7.41
C PHE A 77 -7.83 0.24 7.68
N LEU A 78 -6.62 0.09 8.20
CA LEU A 78 -6.12 -1.23 8.57
C LEU A 78 -5.64 -1.18 10.00
N GLY A 79 -6.18 -2.09 10.82
CA GLY A 79 -5.81 -2.16 12.23
C GLY A 79 -5.37 -3.55 12.65
N ASN A 80 -4.53 -3.59 13.67
CA ASN A 80 -4.08 -4.84 14.28
C ASN A 80 -3.78 -4.61 15.76
N SER A 81 -4.53 -5.29 16.62
CA SER A 81 -4.45 -5.09 18.08
C SER A 81 -3.11 -5.49 18.70
N LYS A 82 -2.40 -6.41 18.03
CA LYS A 82 -1.12 -6.93 18.52
C LYS A 82 0.05 -5.96 18.32
N MSE A 83 -0.12 -4.97 17.44
CA MSE A 83 0.99 -4.11 17.03
C MSE A 83 1.03 -2.78 17.79
O MSE A 83 -0.01 -2.24 18.16
CB MSE A 83 0.93 -3.87 15.53
CG MSE A 83 1.23 -5.11 14.72
SE MSE A 83 1.14 -4.77 12.80
CE MSE A 83 1.44 -6.59 12.11
N GLU A 84 2.24 -2.27 17.98
CA GLU A 84 2.47 -1.02 18.73
C GLU A 84 1.81 0.20 18.09
N VAL A 85 1.98 0.38 16.77
CA VAL A 85 1.20 1.34 16.02
C VAL A 85 0.04 0.54 15.43
N PRO A 86 -1.16 0.72 16.00
CA PRO A 86 -2.23 -0.24 15.75
C PRO A 86 -2.99 -0.05 14.45
N MSE A 87 -2.89 1.11 13.82
CA MSE A 87 -3.74 1.39 12.69
C MSE A 87 -3.14 2.47 11.82
O MSE A 87 -2.34 3.26 12.28
CB MSE A 87 -5.13 1.82 13.17
CG MSE A 87 -6.11 2.27 12.09
SE MSE A 87 -7.99 2.42 12.69
CE MSE A 87 -8.53 0.54 12.55
N PHE A 88 -3.51 2.45 10.55
CA PHE A 88 -3.29 3.58 9.68
C PHE A 88 -4.50 3.69 8.76
N LEU A 89 -4.63 4.84 8.10
CA LEU A 89 -5.63 5.00 7.07
C LEU A 89 -5.00 5.53 5.80
N CYS A 90 -5.63 5.23 4.68
CA CYS A 90 -5.26 5.84 3.42
C CYS A 90 -6.51 6.28 2.71
N TYR A 91 -6.36 7.24 1.80
CA TYR A 91 -7.49 7.72 1.03
C TYR A 91 -7.03 8.18 -0.33
N CYS A 92 -8.01 8.26 -1.23
CA CYS A 92 -7.81 8.72 -2.58
C CYS A 92 -8.99 9.62 -2.91
N GLY A 93 -8.89 10.32 -4.05
CA GLY A 93 -9.86 11.34 -4.43
C GLY A 93 -9.28 12.70 -4.10
N THR A 94 -9.75 13.73 -4.78
CA THR A 94 -9.28 15.11 -4.50
C THR A 94 -10.39 15.94 -3.86
N ASP A 95 -11.40 15.25 -3.33
CA ASP A 95 -12.59 15.89 -2.84
C ASP A 95 -12.30 16.83 -1.66
N ASN A 96 -13.08 17.91 -1.60
CA ASN A 96 -13.07 18.86 -0.50
C ASN A 96 -13.25 18.18 0.86
N ARG A 97 -14.08 17.14 0.88
CA ARG A 97 -14.53 16.50 2.11
C ARG A 97 -13.54 15.54 2.76
N ASN A 98 -12.43 15.24 2.08
CA ASN A 98 -11.38 14.39 2.67
C ASN A 98 -10.84 14.98 3.96
N GLU A 99 -10.50 16.26 3.90
CA GLU A 99 -9.99 17.00 5.05
C GLU A 99 -11.03 17.09 6.16
N VAL A 100 -12.31 17.13 5.80
CA VAL A 100 -13.39 17.13 6.79
C VAL A 100 -13.39 15.82 7.57
N VAL A 101 -13.21 14.72 6.85
CA VAL A 101 -13.10 13.40 7.49
C VAL A 101 -11.88 13.33 8.41
N LEU A 102 -10.74 13.83 7.95
CA LEU A 102 -9.50 13.80 8.75
C LEU A 102 -9.65 14.60 10.04
N GLN A 103 -10.12 15.83 9.94
CA GLN A 103 -10.32 16.68 11.11
C GLN A 103 -11.38 16.09 12.04
N TRP A 104 -12.44 15.57 11.43
CA TRP A 104 -13.48 14.88 12.17
C TRP A 104 -12.90 13.75 13.02
N LEU A 105 -12.04 12.94 12.39
CA LEU A 105 -11.33 11.86 13.07
C LEU A 105 -10.56 12.35 14.29
N LYS A 106 -9.81 13.43 14.11
CA LYS A 106 -9.03 14.01 15.20
C LYS A 106 -9.90 14.51 16.33
N ALA A 107 -10.98 15.19 15.99
CA ALA A 107 -11.87 15.77 17.00
C ALA A 107 -12.66 14.68 17.73
N GLU A 108 -13.26 13.78 16.95
CA GLU A 108 -14.13 12.74 17.51
C GLU A 108 -13.37 11.73 18.40
N TYR A 109 -12.12 11.43 18.05
CA TYR A 109 -11.35 10.40 18.75
C TYR A 109 -10.09 10.91 19.45
N GLY A 110 -9.75 12.18 19.27
CA GLY A 110 -8.51 12.74 19.84
C GLY A 110 -7.25 11.96 19.49
N VAL A 111 -7.20 11.41 18.28
CA VAL A 111 -6.05 10.67 17.82
C VAL A 111 -5.02 11.61 17.22
N ILE A 112 -3.77 11.17 17.22
CA ILE A 112 -2.72 11.87 16.51
C ILE A 112 -2.45 11.13 15.21
N MSE A 113 -2.48 11.87 14.11
CA MSE A 113 -2.32 11.31 12.77
C MSE A 113 -1.16 11.97 12.05
O MSE A 113 -1.04 13.19 12.04
CB MSE A 113 -3.60 11.52 11.96
CG MSE A 113 -4.78 10.74 12.47
SE MSE A 113 -6.30 10.83 11.26
CE MSE A 113 -6.41 12.76 10.98
N TRP A 114 -0.32 11.15 11.42
CA TRP A 114 0.85 11.68 10.75
C TRP A 114 1.04 11.09 9.35
N PRO A 115 1.56 11.91 8.42
CA PRO A 115 1.83 11.44 7.06
C PRO A 115 2.90 10.37 7.07
N ILE A 116 2.72 9.35 6.22
CA ILE A 116 3.67 8.25 6.12
C ILE A 116 4.48 8.42 4.84
N LYS A 117 5.79 8.20 4.97
CA LYS A 117 6.69 8.19 3.82
C LYS A 117 7.42 6.86 3.83
N PHE A 118 7.59 6.29 2.64
CA PHE A 118 8.16 4.95 2.52
C PHE A 118 9.63 5.06 2.19
N GLU A 119 10.46 4.41 2.98
CA GLU A 119 11.87 4.29 2.68
C GLU A 119 12.02 3.36 1.47
N GLN A 120 13.21 3.33 0.92
CA GLN A 120 13.50 2.56 -0.28
C GLN A 120 13.17 1.08 -0.11
N LYS A 121 13.71 0.47 0.95
CA LYS A 121 13.46 -0.94 1.24
C LYS A 121 11.97 -1.23 1.34
N THR A 122 11.23 -0.28 1.91
CA THR A 122 9.77 -0.39 2.01
C THR A 122 9.12 -0.38 0.62
N MSE A 123 9.57 0.54 -0.25
CA MSE A 123 9.02 0.61 -1.60
C MSE A 123 9.18 -0.70 -2.37
O MSE A 123 8.30 -1.07 -3.17
CB MSE A 123 9.67 1.74 -2.40
CG MSE A 123 9.35 3.13 -1.89
SE MSE A 123 10.45 4.49 -2.76
CE MSE A 123 9.81 4.23 -4.58
N ILE A 124 10.29 -1.40 -2.14
CA ILE A 124 10.49 -2.70 -2.76
C ILE A 124 9.51 -3.70 -2.18
N LYS A 125 9.28 -3.66 -0.87
CA LYS A 125 8.32 -4.56 -0.25
C LYS A 125 6.90 -4.30 -0.73
N LEU A 126 6.56 -3.04 -0.93
CA LEU A 126 5.25 -2.66 -1.44
C LEU A 126 5.09 -3.15 -2.86
N ALA A 127 6.18 -3.12 -3.61
CA ALA A 127 6.19 -3.66 -4.97
C ALA A 127 5.83 -5.15 -4.92
N ASP A 128 6.57 -5.92 -4.13
CA ASP A 128 6.27 -7.35 -3.93
C ASP A 128 4.81 -7.58 -3.52
N ALA A 129 4.37 -6.82 -2.52
CA ALA A 129 3.01 -6.94 -1.98
C ALA A 129 1.92 -6.62 -3.01
N SER A 130 2.28 -5.86 -4.05
CA SER A 130 1.31 -5.45 -5.06
C SER A 130 0.93 -6.57 -6.02
N ILE A 131 1.73 -7.62 -6.10
CA ILE A 131 1.56 -8.65 -7.13
C ILE A 131 1.47 -10.07 -6.59
N VAL A 132 2.03 -10.28 -5.40
CA VAL A 132 2.09 -11.60 -4.80
C VAL A 132 0.81 -11.88 -4.02
N HIS A 133 0.34 -13.12 -4.06
CA HIS A 133 -0.79 -13.55 -3.24
C HIS A 133 -0.87 -15.06 -3.10
N VAL A 134 -1.70 -15.51 -2.17
CA VAL A 134 -1.83 -16.93 -1.86
C VAL A 134 -3.28 -17.37 -2.02
N THR A 135 -3.46 -18.52 -2.66
CA THR A 135 -4.80 -19.04 -2.92
C THR A 135 -5.31 -19.94 -1.80
N LYS A 136 -6.55 -20.37 -1.96
CA LYS A 136 -7.26 -21.21 -0.98
C LYS A 136 -6.48 -22.46 -0.58
N GLU A 137 -5.81 -23.10 -1.54
CA GLU A 137 -5.07 -24.32 -1.26
C GLU A 137 -3.65 -24.01 -0.77
N ASN A 138 -3.43 -22.74 -0.42
CA ASN A 138 -2.15 -22.25 0.11
C ASN A 138 -1.01 -22.27 -0.91
N ILE A 139 -1.29 -21.75 -2.11
CA ILE A 139 -0.37 -21.82 -3.22
C ILE A 139 0.00 -20.41 -3.69
N GLU A 140 1.31 -20.18 -3.81
CA GLU A 140 1.86 -18.89 -4.25
C GLU A 140 1.46 -18.58 -5.70
N GLN A 141 0.92 -17.38 -5.91
CA GLN A 141 0.59 -16.89 -7.24
C GLN A 141 1.14 -15.48 -7.37
N ILE A 142 1.52 -15.10 -8.57
CA ILE A 142 2.07 -13.77 -8.80
C ILE A 142 1.46 -13.23 -10.08
N THR A 143 0.84 -12.07 -9.98
CA THR A 143 0.36 -11.35 -11.16
C THR A 143 1.49 -10.45 -11.68
N TRP A 144 2.23 -10.93 -12.67
CA TRP A 144 3.36 -10.19 -13.23
C TRP A 144 2.96 -9.04 -14.16
N PHE A 145 3.66 -7.91 -14.02
CA PHE A 145 3.56 -6.79 -14.93
C PHE A 145 4.95 -6.30 -15.29
N SER A 146 5.05 -5.59 -16.41
CA SER A 146 6.30 -4.90 -16.76
C SER A 146 6.68 -3.92 -15.63
N SER A 147 7.96 -3.95 -15.26
CA SER A 147 8.46 -3.26 -14.08
C SER A 147 9.49 -2.20 -14.44
N LYS A 148 9.22 -0.96 -14.04
CA LYS A 148 10.10 0.17 -14.30
C LYS A 148 10.60 0.72 -12.96
N LEU A 149 11.91 0.85 -12.79
CA LEU A 149 12.47 1.52 -11.62
C LEU A 149 13.06 2.86 -12.03
N TYR A 150 12.58 3.96 -11.41
CA TYR A 150 13.17 5.28 -11.63
C TYR A 150 14.17 5.60 -10.53
N PHE A 151 15.23 6.29 -10.92
CA PHE A 151 16.23 6.76 -9.98
C PHE A 151 16.53 8.23 -10.23
N GLU A 152 16.81 8.97 -9.16
CA GLU A 152 17.20 10.37 -9.26
C GLU A 152 18.42 10.67 -8.39
N PRO A 153 19.64 10.51 -8.96
CA PRO A 153 20.88 10.94 -8.28
C PRO A 153 20.92 12.44 -8.02
N ARG A 161 21.02 13.01 -13.66
CA ARG A 161 19.88 13.67 -13.03
C ARG A 161 18.67 12.74 -12.91
N GLN A 162 18.37 11.99 -13.98
CA GLN A 162 17.40 10.89 -13.88
C GLN A 162 17.72 9.77 -14.86
N PHE A 163 17.30 8.57 -14.49
CA PHE A 163 17.34 7.43 -15.39
C PHE A 163 16.43 6.34 -14.85
N SER A 164 16.12 5.36 -15.69
CA SER A 164 15.23 4.28 -15.31
C SER A 164 15.65 2.99 -15.96
N ILE A 165 15.29 1.88 -15.33
CA ILE A 165 15.52 0.57 -15.90
C ILE A 165 14.17 -0.13 -15.99
N GLU A 166 13.95 -0.87 -17.06
CA GLU A 166 12.68 -1.54 -17.28
C GLU A 166 12.89 -3.01 -17.63
N ILE A 167 12.10 -3.87 -16.97
CA ILE A 167 12.06 -5.30 -17.28
C ILE A 167 10.64 -5.71 -17.67
N PRO A 168 10.42 -6.05 -18.95
CA PRO A 168 9.11 -6.49 -19.44
C PRO A 168 8.57 -7.69 -18.69
N ARG A 169 7.26 -7.89 -18.75
CA ARG A 169 6.59 -8.93 -17.97
C ARG A 169 7.23 -10.33 -18.12
N GLU A 170 7.49 -10.74 -19.37
CA GLU A 170 7.94 -12.11 -19.68
C GLU A 170 9.26 -12.49 -19.01
N SER A 171 10.25 -11.60 -19.07
CA SER A 171 11.53 -11.84 -18.42
C SER A 171 11.41 -11.84 -16.91
N CYS A 172 10.55 -10.98 -16.35
CA CYS A 172 10.21 -11.04 -14.93
C CYS A 172 9.77 -12.46 -14.58
N GLU A 173 8.77 -12.95 -15.29
CA GLU A 173 8.15 -14.25 -15.05
C GLU A 173 9.16 -15.39 -15.08
N GLY A 174 10.03 -15.38 -16.09
CA GLY A 174 11.10 -16.36 -16.21
C GLY A 174 12.16 -16.25 -15.13
N LEU A 175 12.58 -15.01 -14.86
CA LEU A 175 13.57 -14.70 -13.80
C LEU A 175 13.09 -15.22 -12.45
N ALA A 176 11.79 -15.08 -12.21
CA ALA A 176 11.16 -15.49 -10.94
C ALA A 176 11.00 -17.00 -10.79
N LEU A 177 10.56 -17.68 -11.86
CA LEU A 177 10.43 -19.15 -11.85
C LEU A 177 11.82 -19.80 -11.85
N GLY A 178 12.81 -19.06 -12.35
CA GLY A 178 14.21 -19.45 -12.23
C GLY A 178 14.65 -19.48 -10.77
N TYR A 179 14.10 -18.55 -9.97
CA TYR A 179 14.22 -18.59 -8.51
C TYR A 179 13.17 -19.51 -7.90
N GLY A 180 13.24 -19.68 -6.58
CA GLY A 180 12.24 -20.43 -5.84
C GLY A 180 10.84 -19.89 -6.08
N THR A 182 7.84 -16.90 -6.12
CA THR A 182 8.17 -16.72 -4.69
C THR A 182 7.37 -15.57 -4.05
N MSE A 183 7.61 -15.33 -2.76
CA MSE A 183 6.84 -14.33 -1.99
C MSE A 183 7.49 -12.95 -1.95
O MSE A 183 6.85 -11.96 -1.55
CB MSE A 183 6.54 -14.85 -0.57
CG MSE A 183 5.05 -15.13 -0.29
SE MSE A 183 4.06 -15.99 -1.76
CE MSE A 183 5.31 -17.46 -2.14
N HIS A 184 8.77 -12.87 -2.35
CA HIS A 184 9.43 -11.58 -2.51
C HIS A 184 10.24 -11.58 -3.82
N PRO A 185 9.54 -11.63 -4.96
CA PRO A 185 10.21 -11.75 -6.24
C PRO A 185 11.14 -10.59 -6.58
N TYR A 186 10.75 -9.36 -6.26
CA TYR A 186 11.62 -8.21 -6.57
C TYR A 186 12.87 -8.23 -5.71
N ASN A 187 12.72 -8.61 -4.45
CA ASN A 187 13.84 -8.64 -3.55
C ASN A 187 14.72 -9.89 -3.66
N ASP A 188 14.13 -11.02 -4.09
CA ASP A 188 14.87 -12.30 -4.14
C ASP A 188 15.34 -12.68 -5.54
N ALA A 189 14.66 -12.17 -6.57
CA ALA A 189 14.96 -12.56 -7.95
C ALA A 189 15.39 -11.36 -8.78
N ILE A 190 14.50 -10.40 -8.95
CA ILE A 190 14.68 -9.33 -9.93
C ILE A 190 15.87 -8.45 -9.59
N VAL A 191 15.92 -7.94 -8.36
CA VAL A 191 17.03 -7.08 -7.94
C VAL A 191 18.39 -7.79 -8.02
N PRO A 192 18.49 -9.03 -7.49
CA PRO A 192 19.73 -9.80 -7.67
C PRO A 192 20.08 -10.13 -9.13
N TYR A 193 19.10 -10.49 -9.93
CA TYR A 193 19.31 -10.72 -11.37
C TYR A 193 19.86 -9.46 -12.06
N ILE A 194 19.35 -8.29 -11.66
CA ILE A 194 19.83 -7.02 -12.16
C ILE A 194 21.30 -6.79 -11.81
N TYR A 195 21.65 -7.03 -10.56
CA TYR A 195 23.05 -6.93 -10.14
C TYR A 195 23.92 -7.95 -10.87
N ASN A 196 23.48 -9.20 -10.88
CA ASN A 196 24.26 -10.30 -11.41
C ASN A 196 24.44 -10.25 -12.93
N GLU A 197 23.46 -9.70 -13.65
CA GLU A 197 23.51 -9.65 -15.12
C GLU A 197 23.96 -8.31 -15.70
N THR A 198 23.91 -7.23 -14.91
CA THR A 198 24.28 -5.89 -15.39
C THR A 198 25.30 -5.14 -14.52
N GLY A 199 25.50 -5.60 -13.29
CA GLY A 199 26.43 -4.94 -12.38
C GLY A 199 25.84 -3.74 -11.66
N MSE A 200 24.55 -3.48 -11.87
CA MSE A 200 23.86 -2.40 -11.18
C MSE A 200 23.26 -2.92 -9.88
O MSE A 200 22.43 -3.84 -9.89
CB MSE A 200 22.79 -1.80 -12.07
CG MSE A 200 21.95 -0.70 -11.42
SE MSE A 200 20.52 -0.08 -12.60
CE MSE A 200 21.61 0.60 -14.07
N ALA A 201 23.67 -2.33 -8.76
CA ALA A 201 23.16 -2.69 -7.44
C ALA A 201 22.03 -1.74 -7.04
N VAL A 202 20.78 -2.21 -7.19
CA VAL A 202 19.61 -1.40 -6.88
C VAL A 202 19.63 -0.87 -5.45
N GLU A 203 20.09 -1.69 -4.51
CA GLU A 203 20.17 -1.31 -3.10
C GLU A 203 21.11 -0.12 -2.86
N ARG A 204 22.02 0.15 -3.80
CA ARG A 204 22.98 1.25 -3.67
C ARG A 204 22.60 2.55 -4.40
N LEU A 205 21.42 2.56 -5.05
CA LEU A 205 20.99 3.71 -5.88
C LEU A 205 19.75 4.41 -5.34
N PRO A 206 19.59 5.72 -5.65
CA PRO A 206 18.47 6.53 -5.15
C PRO A 206 17.14 6.28 -5.89
N LEU A 207 16.42 5.24 -5.47
CA LEU A 207 15.14 4.86 -6.07
C LEU A 207 14.05 5.90 -5.78
N THR A 208 13.34 6.32 -6.82
CA THR A 208 12.33 7.36 -6.71
C THR A 208 10.91 6.83 -6.89
N SER A 209 10.75 5.80 -7.71
CA SER A 209 9.46 5.16 -7.90
C SER A 209 9.61 3.80 -8.52
N VAL A 210 8.64 2.94 -8.27
CA VAL A 210 8.56 1.65 -8.93
C VAL A 210 7.25 1.68 -9.71
N ILE A 211 7.31 1.36 -11.01
CA ILE A 211 6.10 1.34 -11.82
C ILE A 211 5.83 -0.05 -12.36
N LEU A 212 4.61 -0.53 -12.11
CA LEU A 212 4.15 -1.80 -12.64
C LEU A 212 3.04 -1.48 -13.64
N ALA A 213 3.40 -1.52 -14.92
CA ALA A 213 2.53 -1.03 -16.01
C ALA A 213 1.08 -1.47 -15.91
N GLY A 214 0.18 -0.50 -15.89
CA GLY A 214 -1.26 -0.76 -15.87
C GLY A 214 -1.78 -1.17 -14.51
N HIS A 215 -0.92 -1.12 -13.48
CA HIS A 215 -1.27 -1.66 -12.18
C HIS A 215 -1.05 -0.66 -11.05
N THR A 216 0.20 -0.30 -10.80
CA THR A 216 0.49 0.57 -9.66
C THR A 216 1.80 1.34 -9.80
N LYS A 217 1.84 2.52 -9.20
CA LYS A 217 3.07 3.31 -9.10
C LYS A 217 3.38 3.63 -7.64
N ILE A 218 4.49 3.12 -7.15
CA ILE A 218 4.88 3.28 -5.77
C ILE A 218 5.93 4.38 -5.67
N MSE A 219 5.63 5.41 -4.89
CA MSE A 219 6.59 6.49 -4.65
C MSE A 219 6.86 6.62 -3.16
O MSE A 219 6.28 5.87 -2.37
CB MSE A 219 6.04 7.80 -5.20
CG MSE A 219 6.16 7.91 -6.70
SE MSE A 219 4.78 9.06 -7.47
CE MSE A 219 3.19 7.99 -7.05
N ARG A 220 7.74 7.55 -2.80
CA ARG A 220 8.07 7.79 -1.40
C ARG A 220 6.85 8.23 -0.58
N GLU A 221 6.00 9.09 -1.14
CA GLU A 221 4.93 9.72 -0.38
C GLU A 221 3.51 9.35 -0.82
N SER A 222 3.38 8.46 -1.80
CA SER A 222 2.07 8.04 -2.27
C SER A 222 2.15 6.76 -3.08
N ILE A 223 0.98 6.19 -3.34
CA ILE A 223 0.85 5.06 -4.24
C ILE A 223 -0.28 5.37 -5.21
N VAL A 224 0.00 5.20 -6.50
CA VAL A 224 -1.01 5.37 -7.53
C VAL A 224 -1.47 3.99 -8.01
N THR A 225 -2.78 3.83 -8.21
CA THR A 225 -3.34 2.56 -8.67
C THR A 225 -4.28 2.77 -9.86
N SER A 226 -4.48 1.71 -10.65
CA SER A 226 -5.34 1.78 -11.82
C SER A 226 -6.80 1.43 -11.46
N THR A 227 -6.99 0.53 -10.50
CA THR A 227 -8.33 0.27 -9.96
C THR A 227 -8.51 1.03 -8.64
N ARG A 228 -9.74 1.04 -8.15
CA ARG A 228 -10.12 1.87 -7.01
C ARG A 228 -9.83 1.19 -5.66
N SER A 229 -8.71 0.48 -5.57
CA SER A 229 -8.36 -0.19 -4.33
C SER A 229 -6.87 -0.46 -4.23
N LEU A 230 -6.47 -0.89 -3.04
CA LEU A 230 -5.12 -1.36 -2.79
C LEU A 230 -5.20 -2.80 -2.33
N ARG A 231 -4.26 -3.62 -2.78
CA ARG A 231 -4.18 -5.01 -2.33
C ARG A 231 -4.04 -5.09 -0.81
N ASN A 232 -4.71 -6.07 -0.21
CA ASN A 232 -4.61 -6.30 1.24
C ASN A 232 -3.19 -6.47 1.75
N ARG A 233 -2.39 -7.19 0.97
CA ARG A 233 -0.99 -7.42 1.31
C ARG A 233 -0.21 -6.09 1.34
N VAL A 234 -0.57 -5.16 0.47
CA VAL A 234 0.04 -3.84 0.42
C VAL A 234 -0.31 -3.04 1.67
N LEU A 235 -1.58 -3.04 2.04
CA LEU A 235 -2.00 -2.44 3.30
C LEU A 235 -1.23 -3.02 4.49
N ALA A 236 -1.10 -4.35 4.52
CA ALA A 236 -0.36 -5.03 5.58
C ALA A 236 1.07 -4.53 5.69
N VAL A 237 1.74 -4.44 4.55
CA VAL A 237 3.13 -3.97 4.49
C VAL A 237 3.25 -2.51 4.96
N VAL A 238 2.28 -1.67 4.63
CA VAL A 238 2.27 -0.29 5.10
C VAL A 238 2.22 -0.28 6.61
N LEU A 239 1.23 -0.97 7.18
CA LEU A 239 1.06 -0.96 8.63
C LEU A 239 2.30 -1.49 9.33
N GLN A 240 2.99 -2.46 8.73
CA GLN A 240 4.19 -3.01 9.31
C GLN A 240 5.39 -2.07 9.17
N SER A 241 5.40 -1.26 8.12
CA SER A 241 6.52 -0.36 7.89
C SER A 241 6.54 0.80 8.89
N ILE A 242 5.37 1.22 9.37
CA ILE A 242 5.25 2.36 10.29
C ILE A 242 5.43 1.99 11.78
N GLN A 243 5.81 0.75 12.06
CA GLN A 243 6.08 0.34 13.44
C GLN A 243 7.37 1.00 13.96
N PHE A 244 7.34 1.41 15.22
CA PHE A 244 8.50 2.05 15.87
C PHE A 244 9.43 1.02 16.51
N THR A 245 10.52 0.70 15.82
CA THR A 245 11.48 -0.32 16.27
C THR A 245 10.82 -1.69 16.40
#